data_8OHY
#
_entry.id   8OHY
#
_cell.length_a   99.880
_cell.length_b   99.880
_cell.length_c   73.120
_cell.angle_alpha   90.00
_cell.angle_beta   90.00
_cell.angle_gamma   90.00
#
_symmetry.space_group_name_H-M   'P 41 21 2'
#
loop_
_entity.id
_entity.type
_entity.pdbx_description
1 polymer Peroxidase
2 non-polymer 'ZINC ION'
3 non-polymer 'PROTOPORPHYRIN IX CONTAINING FE'
4 water water
#
_entity_poly.entity_id   1
_entity_poly.type   'polypeptide(L)'
_entity_poly.pdbx_seq_one_letter_code
;MAQSTVLPMHCLYGIFLEGNLKIQKNDQEGLKKFKDNIKKFTLELDEIDKISPQSRIGGAICFSSDIWDTVTKKISKPKE
LKSVNTLSSYMPGTSQRDILIHIISDRMDTCFKLAQDTMRNFGEDQLDIKQEIHGFRRVEERDLTDFIDGTENPDGDELR
TQYGLVAAGQPNEFGSYVFTQRYVHNLKKWYPEPLSVQQDTVGRTKKDSIEIPRDKRPITSHVSRTDLSENGKDLKIVRQ
SLPYGQITGEKGLMFIAYACSLHNIEKQLQSMFGQLDGKHDLLLKYTTPVTGSFYFAPSKKELLEL
;
_entity_poly.pdbx_strand_id   A
#
# COMPACT_ATOMS: atom_id res chain seq x y z
N MET A 1 -1.08 16.60 9.00
CA MET A 1 -0.73 17.27 7.71
C MET A 1 -0.62 16.25 6.59
N ALA A 2 -0.48 14.97 6.95
CA ALA A 2 -0.44 13.91 5.97
C ALA A 2 -1.86 13.48 5.60
N GLN A 3 -2.00 12.94 4.40
CA GLN A 3 -3.25 12.27 4.06
C GLN A 3 -3.42 11.07 4.98
N SER A 4 -4.69 10.71 5.23
CA SER A 4 -5.06 9.95 6.43
C SER A 4 -5.06 8.45 6.24
N THR A 5 -4.14 7.87 5.47
CA THR A 5 -4.06 6.42 5.33
C THR A 5 -2.78 5.82 5.90
N VAL A 6 -1.93 6.63 6.53
CA VAL A 6 -0.63 6.15 7.01
C VAL A 6 -0.68 5.89 8.52
N LEU A 7 -0.95 6.93 9.29
CA LEU A 7 -0.81 6.84 10.74
C LEU A 7 -1.86 5.96 11.41
N PRO A 8 -3.13 6.00 11.00
CA PRO A 8 -4.14 5.16 11.67
C PRO A 8 -3.86 3.67 11.52
N MET A 9 -4.23 2.90 12.54
CA MET A 9 -3.96 1.48 12.60
C MET A 9 -5.26 0.68 12.64
N HIS A 10 -5.14 -0.59 12.26
CA HIS A 10 -6.17 -1.62 12.48
C HIS A 10 -7.47 -1.34 11.73
N CYS A 11 -7.39 -0.76 10.53
CA CYS A 11 -8.59 -0.59 9.73
C CYS A 11 -9.24 -1.95 9.45
N LEU A 12 -10.57 -1.96 9.41
CA LEU A 12 -11.30 -3.18 9.15
C LEU A 12 -11.68 -3.36 7.69
N TYR A 13 -11.72 -2.27 6.92
CA TYR A 13 -12.03 -2.33 5.51
C TYR A 13 -11.12 -1.38 4.76
N GLY A 14 -10.81 -1.75 3.52
CA GLY A 14 -10.02 -0.90 2.64
C GLY A 14 -10.42 -1.10 1.20
N ILE A 15 -10.68 -0.01 0.50
CA ILE A 15 -10.98 -0.04 -0.93
C ILE A 15 -9.80 0.57 -1.67
N PHE A 16 -9.33 -0.15 -2.69
CA PHE A 16 -8.17 0.22 -3.49
C PHE A 16 -8.64 0.45 -4.92
N LEU A 17 -8.45 1.67 -5.43
CA LEU A 17 -8.79 2.03 -6.79
C LEU A 17 -7.50 2.49 -7.48
N GLU A 18 -7.03 1.70 -8.44
CA GLU A 18 -5.81 2.00 -9.18
C GLU A 18 -6.14 2.12 -10.65
N GLY A 19 -5.68 3.20 -11.27
CA GLY A 19 -5.97 3.42 -12.67
C GLY A 19 -5.13 4.55 -13.22
N ASN A 20 -5.45 4.93 -14.46
CA ASN A 20 -4.69 5.93 -15.17
C ASN A 20 -5.48 7.21 -15.36
N LEU A 21 -4.77 8.33 -15.33
CA LEU A 21 -5.37 9.64 -15.57
C LEU A 21 -5.62 9.81 -17.07
N LYS A 22 -6.86 10.14 -17.42
CA LYS A 22 -7.25 10.31 -18.82
C LYS A 22 -7.22 11.76 -19.27
N ILE A 23 -6.81 12.69 -18.41
CA ILE A 23 -6.74 14.10 -18.74
C ILE A 23 -5.30 14.44 -19.12
N GLN A 24 -5.14 15.23 -20.18
CA GLN A 24 -3.82 15.62 -20.66
C GLN A 24 -3.38 16.94 -20.01
N LYS A 25 -2.06 17.12 -19.95
CA LYS A 25 -1.47 18.24 -19.22
C LYS A 25 -1.94 19.60 -19.72
N ASN A 26 -2.19 19.73 -21.02
CA ASN A 26 -2.59 21.02 -21.58
C ASN A 26 -4.09 21.27 -21.53
N ASP A 27 -4.87 20.27 -21.09
CA ASP A 27 -6.32 20.37 -21.00
C ASP A 27 -6.66 21.09 -19.70
N GLN A 28 -6.67 22.43 -19.76
CA GLN A 28 -6.83 23.22 -18.55
C GLN A 28 -8.21 23.01 -17.94
N GLU A 29 -9.25 22.94 -18.78
CA GLU A 29 -10.60 22.69 -18.27
C GLU A 29 -10.68 21.35 -17.56
N GLY A 30 -10.22 20.29 -18.23
CA GLY A 30 -10.23 18.97 -17.60
C GLY A 30 -9.40 18.94 -16.33
N LEU A 31 -8.26 19.61 -16.34
CA LEU A 31 -7.39 19.64 -15.16
C LEU A 31 -8.06 20.38 -14.01
N LYS A 32 -8.70 21.51 -14.30
CA LYS A 32 -9.45 22.23 -13.27
C LYS A 32 -10.55 21.34 -12.68
N LYS A 33 -11.30 20.66 -13.56
CA LYS A 33 -12.34 19.75 -13.07
C LYS A 33 -11.74 18.64 -12.22
N PHE A 34 -10.63 18.07 -12.67
CA PHE A 34 -9.96 17.01 -11.92
C PHE A 34 -9.56 17.48 -10.53
N LYS A 35 -9.03 18.70 -10.41
CA LYS A 35 -8.61 19.18 -9.11
C LYS A 35 -9.79 19.60 -8.24
N ASP A 36 -10.88 20.06 -8.85
CA ASP A 36 -12.11 20.25 -8.08
C ASP A 36 -12.57 18.92 -7.48
N ASN A 37 -12.41 17.83 -8.22
CA ASN A 37 -12.79 16.53 -7.68
C ASN A 37 -11.88 16.09 -6.55
N ILE A 38 -10.60 16.46 -6.60
CA ILE A 38 -9.71 16.20 -5.47
C ILE A 38 -10.21 16.94 -4.23
N LYS A 39 -10.50 18.23 -4.40
CA LYS A 39 -11.06 19.02 -3.30
C LYS A 39 -12.32 18.37 -2.74
N LYS A 40 -13.21 17.90 -3.61
CA LYS A 40 -14.43 17.25 -3.14
C LYS A 40 -14.11 16.02 -2.31
N PHE A 41 -13.06 15.29 -2.69
CA PHE A 41 -12.66 14.11 -1.94
C PHE A 41 -12.21 14.49 -0.54
N THR A 42 -11.33 15.49 -0.43
CA THR A 42 -10.87 15.89 0.90
C THR A 42 -12.04 16.37 1.75
N LEU A 43 -12.99 17.08 1.14
CA LEU A 43 -14.14 17.56 1.90
C LEU A 43 -15.03 16.40 2.35
N GLU A 44 -15.32 15.47 1.44
CA GLU A 44 -16.19 14.37 1.82
C GLU A 44 -15.53 13.49 2.89
N LEU A 45 -14.21 13.33 2.84
CA LEU A 45 -13.50 12.68 3.93
C LEU A 45 -13.83 13.34 5.26
N ASP A 46 -13.68 14.66 5.34
CA ASP A 46 -13.99 15.38 6.58
C ASP A 46 -15.45 15.18 6.96
N GLU A 47 -16.36 15.30 5.99
CA GLU A 47 -17.78 15.17 6.29
C GLU A 47 -18.11 13.80 6.88
N ILE A 48 -17.62 12.74 6.25
CA ILE A 48 -17.92 11.40 6.77
C ILE A 48 -17.32 11.22 8.16
N ASP A 49 -16.08 11.69 8.35
CA ASP A 49 -15.41 11.60 9.67
C ASP A 49 -16.31 12.24 10.72
N LYS A 50 -17.01 13.35 10.39
CA LYS A 50 -17.80 14.09 11.35
C LYS A 50 -19.09 13.37 11.70
N ILE A 51 -19.79 12.82 10.70
CA ILE A 51 -21.06 12.16 10.96
C ILE A 51 -20.89 10.72 11.39
N SER A 52 -19.75 10.10 11.11
CA SER A 52 -19.48 8.71 11.46
C SER A 52 -18.09 8.60 12.07
N PRO A 53 -17.91 9.10 13.30
CA PRO A 53 -16.60 8.93 13.97
C PRO A 53 -16.23 7.48 14.16
N GLN A 54 -17.21 6.59 14.30
CA GLN A 54 -16.93 5.17 14.49
C GLN A 54 -16.23 4.57 13.28
N SER A 55 -16.40 5.16 12.09
CA SER A 55 -15.76 4.60 10.91
C SER A 55 -14.25 4.77 10.91
N ARG A 56 -13.73 5.75 11.64
CA ARG A 56 -12.33 6.14 11.55
C ARG A 56 -11.90 6.15 10.09
N ILE A 57 -12.66 6.92 9.31
CA ILE A 57 -12.45 6.99 7.87
C ILE A 57 -11.07 7.56 7.58
N GLY A 58 -10.42 7.02 6.56
CA GLY A 58 -9.16 7.56 6.07
C GLY A 58 -9.13 7.45 4.57
N GLY A 59 -8.34 8.33 3.94
CA GLY A 59 -8.31 8.36 2.50
C GLY A 59 -7.09 9.08 1.98
N ALA A 60 -6.59 8.61 0.83
CA ALA A 60 -5.46 9.23 0.17
C ALA A 60 -5.61 9.10 -1.33
N ILE A 61 -5.22 10.15 -2.04
CA ILE A 61 -5.03 10.13 -3.48
C ILE A 61 -3.54 10.25 -3.74
N CYS A 62 -3.00 9.34 -4.55
CA CYS A 62 -1.56 9.22 -4.76
C CYS A 62 -1.26 9.19 -6.25
N PHE A 63 -0.03 9.56 -6.59
CA PHE A 63 0.37 9.83 -7.97
C PHE A 63 1.70 9.16 -8.29
N SER A 64 1.81 8.71 -9.54
CA SER A 64 3.03 8.08 -10.04
C SER A 64 4.00 9.13 -10.58
N SER A 65 5.24 8.70 -10.82
CA SER A 65 6.21 9.61 -11.43
C SER A 65 5.82 9.94 -12.87
N ASP A 66 5.21 8.99 -13.59
CA ASP A 66 4.81 9.25 -14.97
C ASP A 66 3.85 10.43 -15.05
N ILE A 67 2.92 10.52 -14.10
CA ILE A 67 1.83 11.50 -14.17
C ILE A 67 2.15 12.79 -13.42
N TRP A 68 3.23 12.83 -12.64
CA TRP A 68 3.47 13.98 -11.76
C TRP A 68 3.46 15.28 -12.54
N ASP A 69 4.20 15.32 -13.65
CA ASP A 69 4.30 16.51 -14.48
C ASP A 69 2.97 16.92 -15.10
N THR A 70 1.98 16.03 -15.10
CA THR A 70 0.68 16.35 -15.69
C THR A 70 -0.27 16.99 -14.69
N VAL A 71 -0.22 16.57 -13.43
CA VAL A 71 -1.15 17.09 -12.44
C VAL A 71 -0.68 18.38 -11.76
N THR A 72 0.61 18.70 -11.85
CA THR A 72 1.13 19.89 -11.19
C THR A 72 2.32 20.44 -11.95
N LYS A 73 2.35 21.77 -12.08
CA LYS A 73 3.52 22.49 -12.56
C LYS A 73 4.17 23.28 -11.43
N LYS A 74 3.72 23.10 -10.19
CA LYS A 74 4.19 23.87 -9.05
C LYS A 74 4.95 23.06 -8.02
N ILE A 75 4.51 21.83 -7.75
CA ILE A 75 5.11 21.00 -6.70
C ILE A 75 6.19 20.13 -7.32
N SER A 76 7.41 20.24 -6.79
CA SER A 76 8.52 19.46 -7.32
C SER A 76 8.26 17.98 -7.14
N LYS A 77 8.73 17.19 -8.11
CA LYS A 77 8.52 15.76 -8.08
C LYS A 77 9.34 15.13 -6.94
N PRO A 78 8.74 14.20 -6.18
CA PRO A 78 9.52 13.53 -5.12
C PRO A 78 10.75 12.86 -5.71
N LYS A 79 11.88 13.03 -5.03
CA LYS A 79 13.17 12.73 -5.64
C LYS A 79 13.35 11.24 -5.93
N GLU A 80 12.74 10.36 -5.13
CA GLU A 80 12.89 8.93 -5.36
C GLU A 80 11.84 8.34 -6.28
N LEU A 81 10.78 9.07 -6.60
CA LEU A 81 9.63 8.47 -7.26
C LEU A 81 10.00 8.02 -8.67
N LYS A 82 9.61 6.79 -9.01
CA LYS A 82 9.85 6.22 -10.33
C LYS A 82 8.79 5.17 -10.58
N SER A 83 8.73 4.67 -11.82
CA SER A 83 7.80 3.60 -12.15
C SER A 83 8.28 2.28 -11.56
N VAL A 84 7.32 1.48 -11.08
CA VAL A 84 7.66 0.15 -10.60
C VAL A 84 7.99 -0.79 -11.75
N ASN A 85 7.64 -0.40 -12.99
CA ASN A 85 7.96 -1.27 -14.12
C ASN A 85 9.45 -1.45 -14.30
N THR A 86 10.27 -0.54 -13.75
CA THR A 86 11.72 -0.69 -13.82
C THR A 86 12.23 -1.91 -13.05
N LEU A 87 11.37 -2.55 -12.25
CA LEU A 87 11.72 -3.78 -11.55
C LEU A 87 11.26 -5.03 -12.28
N SER A 88 10.71 -4.88 -13.49
CA SER A 88 10.10 -6.02 -14.16
C SER A 88 11.12 -7.10 -14.53
N SER A 89 12.40 -6.74 -14.66
CA SER A 89 13.40 -7.74 -15.02
C SER A 89 13.60 -8.79 -13.94
N TYR A 90 13.12 -8.56 -12.72
CA TYR A 90 13.28 -9.55 -11.67
C TYR A 90 12.06 -9.71 -10.78
N MET A 91 11.06 -8.83 -10.84
CA MET A 91 9.85 -8.96 -10.04
C MET A 91 8.65 -9.09 -10.98
N PRO A 92 7.90 -10.18 -10.93
CA PRO A 92 6.73 -10.31 -11.79
C PRO A 92 5.56 -9.48 -11.27
N GLY A 93 4.57 -9.30 -12.13
CA GLY A 93 3.34 -8.64 -11.76
C GLY A 93 3.33 -7.13 -11.88
N THR A 94 4.42 -6.51 -12.30
CA THR A 94 4.45 -5.05 -12.33
C THR A 94 3.41 -4.52 -13.31
N SER A 95 2.71 -3.46 -12.92
CA SER A 95 1.61 -2.84 -13.73
C SER A 95 1.45 -1.37 -13.32
N GLN A 96 2.46 -0.52 -13.52
CA GLN A 96 2.43 0.83 -12.98
C GLN A 96 1.20 1.58 -13.48
N ARG A 97 0.48 2.22 -12.56
CA ARG A 97 -0.67 3.06 -12.87
C ARG A 97 -0.39 4.49 -12.41
N ASP A 98 -1.17 5.42 -12.97
CA ASP A 98 -0.97 6.84 -12.65
C ASP A 98 -1.49 7.20 -11.26
N ILE A 99 -2.61 6.62 -10.85
CA ILE A 99 -3.37 7.12 -9.72
C ILE A 99 -3.78 5.99 -8.80
N LEU A 100 -3.66 6.23 -7.49
CA LEU A 100 -4.19 5.36 -6.46
C LEU A 100 -5.17 6.16 -5.60
N ILE A 101 -6.38 5.63 -5.44
CA ILE A 101 -7.28 6.09 -4.39
C ILE A 101 -7.39 4.96 -3.39
N HIS A 102 -6.90 5.22 -2.17
CA HIS A 102 -6.92 4.25 -1.09
C HIS A 102 -7.80 4.81 0.02
N ILE A 103 -8.83 4.08 0.40
CA ILE A 103 -9.78 4.51 1.41
C ILE A 103 -9.88 3.40 2.45
N ILE A 104 -9.87 3.78 3.72
CA ILE A 104 -9.93 2.83 4.82
C ILE A 104 -11.04 3.23 5.77
N SER A 105 -11.58 2.25 6.49
CA SER A 105 -12.70 2.47 7.37
C SER A 105 -12.87 1.27 8.28
N ASP A 106 -13.58 1.49 9.39
CA ASP A 106 -14.06 0.42 10.25
C ASP A 106 -15.47 -0.03 9.87
N ARG A 107 -16.06 0.58 8.85
CA ARG A 107 -17.38 0.20 8.35
C ARG A 107 -17.33 0.20 6.82
N MET A 108 -17.86 -0.86 6.21
CA MET A 108 -17.87 -0.93 4.75
C MET A 108 -18.78 0.13 4.15
N ASP A 109 -19.89 0.49 4.82
CA ASP A 109 -20.83 1.39 4.17
C ASP A 109 -20.21 2.76 3.91
N THR A 110 -19.48 3.30 4.89
CA THR A 110 -18.83 4.59 4.67
C THR A 110 -17.61 4.46 3.77
N CYS A 111 -16.88 3.36 3.87
CA CYS A 111 -15.80 3.07 2.92
C CYS A 111 -16.32 3.09 1.49
N PHE A 112 -17.41 2.37 1.24
CA PHE A 112 -17.97 2.29 -0.11
C PHE A 112 -18.57 3.63 -0.54
N LYS A 113 -19.25 4.33 0.38
CA LYS A 113 -19.82 5.62 0.03
C LYS A 113 -18.75 6.57 -0.50
N LEU A 114 -17.65 6.71 0.24
CA LEU A 114 -16.62 7.64 -0.22
C LEU A 114 -16.01 7.19 -1.54
N ALA A 115 -15.75 5.89 -1.67
CA ALA A 115 -15.18 5.37 -2.91
C ALA A 115 -16.12 5.58 -4.09
N GLN A 116 -17.41 5.26 -3.91
CA GLN A 116 -18.35 5.38 -5.03
C GLN A 116 -18.58 6.84 -5.39
N ASP A 117 -18.85 7.68 -4.40
CA ASP A 117 -19.02 9.11 -4.67
C ASP A 117 -17.82 9.66 -5.42
N THR A 118 -16.62 9.32 -4.97
CA THR A 118 -15.41 9.86 -5.57
C THR A 118 -15.28 9.43 -7.02
N MET A 119 -15.51 8.14 -7.30
CA MET A 119 -15.42 7.67 -8.67
C MET A 119 -16.51 8.30 -9.54
N ARG A 120 -17.71 8.52 -8.97
CA ARG A 120 -18.75 9.17 -9.75
C ARG A 120 -18.39 10.62 -10.05
N ASN A 121 -17.72 11.29 -9.10
CA ASN A 121 -17.26 12.66 -9.37
C ASN A 121 -16.21 12.67 -10.48
N PHE A 122 -15.24 11.77 -10.41
CA PHE A 122 -14.19 11.74 -11.42
C PHE A 122 -14.73 11.28 -12.77
N GLY A 123 -15.42 10.16 -12.78
CA GLY A 123 -16.05 9.65 -13.98
C GLY A 123 -15.05 8.97 -14.92
N GLU A 124 -15.60 8.22 -15.86
CA GLU A 124 -14.76 7.52 -16.83
C GLU A 124 -14.01 8.49 -17.74
N ASP A 125 -14.42 9.75 -17.81
CA ASP A 125 -13.71 10.75 -18.60
C ASP A 125 -12.41 11.19 -17.95
N GLN A 126 -12.20 10.91 -16.67
CA GLN A 126 -10.99 11.34 -15.98
C GLN A 126 -10.14 10.19 -15.47
N LEU A 127 -10.73 9.05 -15.11
CA LEU A 127 -9.99 7.92 -14.56
C LEU A 127 -10.38 6.64 -15.28
N ASP A 128 -9.38 5.89 -15.70
CA ASP A 128 -9.56 4.54 -16.24
C ASP A 128 -9.10 3.57 -15.17
N ILE A 129 -10.03 3.08 -14.36
CA ILE A 129 -9.68 2.22 -13.25
C ILE A 129 -9.34 0.82 -13.79
N LYS A 130 -8.11 0.39 -13.54
CA LYS A 130 -7.65 -0.93 -13.94
C LYS A 130 -7.86 -1.98 -12.85
N GLN A 131 -8.01 -1.56 -11.61
CA GLN A 131 -8.11 -2.49 -10.50
C GLN A 131 -8.91 -1.86 -9.36
N GLU A 132 -9.93 -2.58 -8.91
CA GLU A 132 -10.74 -2.19 -7.76
C GLU A 132 -10.77 -3.39 -6.82
N ILE A 133 -10.24 -3.22 -5.62
CA ILE A 133 -10.15 -4.29 -4.64
C ILE A 133 -10.87 -3.86 -3.37
N HIS A 134 -11.73 -4.74 -2.85
CA HIS A 134 -12.40 -4.56 -1.57
C HIS A 134 -11.67 -5.41 -0.54
N GLY A 135 -10.81 -4.78 0.24
CA GLY A 135 -10.11 -5.47 1.31
C GLY A 135 -10.90 -5.43 2.59
N PHE A 136 -10.69 -6.45 3.43
CA PHE A 136 -11.37 -6.56 4.70
C PHE A 136 -10.49 -7.31 5.68
N ARG A 137 -10.47 -6.84 6.92
CA ARG A 137 -9.72 -7.53 7.97
C ARG A 137 -10.43 -8.81 8.36
N ARG A 138 -9.65 -9.83 8.69
CA ARG A 138 -10.17 -11.11 9.17
C ARG A 138 -9.98 -11.22 10.68
N VAL A 139 -10.66 -12.20 11.26
CA VAL A 139 -10.57 -12.42 12.69
C VAL A 139 -9.10 -12.58 13.08
N GLU A 140 -8.73 -11.95 14.19
CA GLU A 140 -7.38 -11.98 14.73
C GLU A 140 -6.36 -11.37 13.76
N GLU A 141 -6.82 -10.50 12.85
CA GLU A 141 -5.93 -9.77 11.93
C GLU A 141 -5.04 -10.73 11.14
N ARG A 142 -5.55 -11.91 10.81
CA ARG A 142 -4.75 -12.95 10.17
C ARG A 142 -4.87 -12.87 8.65
N ASP A 143 -3.71 -13.00 7.99
CA ASP A 143 -3.68 -13.21 6.55
C ASP A 143 -4.33 -14.55 6.22
N LEU A 144 -4.66 -14.74 4.94
CA LEU A 144 -5.30 -15.99 4.52
C LEU A 144 -4.37 -17.19 4.69
N THR A 145 -3.07 -16.98 4.86
CA THR A 145 -2.21 -18.06 5.33
C THR A 145 -2.55 -18.48 6.76
N ASP A 146 -3.40 -17.71 7.45
CA ASP A 146 -3.78 -17.91 8.84
C ASP A 146 -2.65 -17.61 9.81
N PHE A 147 -1.65 -16.88 9.34
CA PHE A 147 -0.68 -16.21 10.22
C PHE A 147 -1.16 -14.79 10.49
N ILE A 148 -0.89 -14.31 11.70
CA ILE A 148 -1.20 -12.93 12.04
C ILE A 148 -0.33 -12.01 11.21
N ASP A 149 -0.95 -10.99 10.62
CA ASP A 149 -0.25 -10.00 9.80
C ASP A 149 -0.32 -8.65 10.52
N GLY A 150 0.84 -8.08 10.83
CA GLY A 150 0.92 -6.74 11.39
C GLY A 150 1.73 -6.64 12.67
N THR A 151 2.28 -7.76 13.13
CA THR A 151 2.90 -7.80 14.45
C THR A 151 3.98 -6.72 14.60
N GLU A 152 5.02 -6.76 13.78
CA GLU A 152 6.11 -5.80 13.85
C GLU A 152 5.88 -4.58 12.96
N ASN A 153 4.66 -4.37 12.48
CA ASN A 153 4.28 -3.10 11.87
C ASN A 153 4.55 -1.97 12.87
N PRO A 154 5.18 -0.87 12.46
CA PRO A 154 5.45 0.21 13.42
C PRO A 154 4.17 0.64 14.14
N ASP A 155 4.28 0.86 15.44
CA ASP A 155 3.13 1.07 16.31
C ASP A 155 3.17 2.49 16.88
N GLY A 156 2.11 3.25 16.64
CA GLY A 156 1.96 4.57 17.23
C GLY A 156 2.26 5.68 16.25
N ASP A 157 1.83 6.90 16.62
CA ASP A 157 1.99 8.04 15.73
C ASP A 157 3.46 8.37 15.50
N GLU A 158 4.29 8.28 16.54
CA GLU A 158 5.68 8.70 16.42
C GLU A 158 6.45 7.82 15.45
N LEU A 159 6.38 6.49 15.64
CA LEU A 159 7.13 5.59 14.80
C LEU A 159 6.56 5.51 13.40
N ARG A 160 5.23 5.60 13.26
CA ARG A 160 4.63 5.58 11.93
C ARG A 160 4.91 6.88 11.18
N THR A 161 5.05 7.98 11.90
CA THR A 161 5.52 9.23 11.28
C THR A 161 6.97 9.08 10.83
N GLN A 162 7.83 8.56 11.70
CA GLN A 162 9.24 8.41 11.37
C GLN A 162 9.44 7.56 10.12
N TYR A 163 8.83 6.36 10.11
CA TYR A 163 9.05 5.43 9.01
C TYR A 163 8.07 5.60 7.87
N GLY A 164 6.93 6.26 8.10
CA GLY A 164 5.88 6.30 7.11
C GLY A 164 5.81 7.57 6.29
N LEU A 165 6.34 8.67 6.83
CA LEU A 165 6.18 9.99 6.22
C LEU A 165 7.53 10.63 5.94
N VAL A 166 7.59 11.40 4.85
CA VAL A 166 8.77 12.21 4.58
C VAL A 166 8.98 13.16 5.76
N ALA A 167 10.23 13.24 6.21
CA ALA A 167 10.56 14.00 7.42
C ALA A 167 10.29 15.49 7.23
N ALA A 168 9.87 16.13 8.32
CA ALA A 168 9.62 17.56 8.30
C ALA A 168 10.89 18.31 7.89
N GLY A 169 10.70 19.41 7.18
CA GLY A 169 11.81 20.22 6.69
C GLY A 169 12.35 19.80 5.35
N GLN A 170 12.01 18.61 4.87
CA GLN A 170 12.44 18.12 3.57
C GLN A 170 11.42 18.49 2.50
N PRO A 171 11.82 18.47 1.23
CA PRO A 171 10.83 18.67 0.17
C PRO A 171 9.74 17.61 0.24
N ASN A 172 8.50 18.04 -0.03
CA ASN A 172 7.34 17.15 0.01
C ASN A 172 7.13 16.56 1.40
N GLU A 173 7.56 17.28 2.42
CA GLU A 173 7.39 16.85 3.80
C GLU A 173 5.94 16.41 4.05
N PHE A 174 5.80 15.31 4.79
CA PHE A 174 4.53 14.75 5.27
C PHE A 174 3.77 14.04 4.17
N GLY A 175 4.32 13.97 2.96
CA GLY A 175 3.88 13.01 1.97
C GLY A 175 4.43 11.63 2.29
N SER A 176 4.14 10.68 1.41
CA SER A 176 4.54 9.30 1.64
C SER A 176 4.70 8.56 0.33
N TYR A 177 5.78 7.79 0.22
CA TYR A 177 5.95 6.86 -0.90
C TYR A 177 5.07 5.63 -0.67
N VAL A 178 4.45 5.15 -1.75
CA VAL A 178 3.43 4.11 -1.66
C VAL A 178 3.76 3.00 -2.64
N PHE A 179 3.66 1.76 -2.18
CA PHE A 179 3.78 0.59 -3.04
C PHE A 179 2.55 -0.28 -2.85
N THR A 180 1.91 -0.65 -3.97
CA THR A 180 0.76 -1.54 -3.96
C THR A 180 1.10 -2.80 -4.75
N GLN A 181 0.63 -3.94 -4.27
CA GLN A 181 0.96 -5.21 -4.91
C GLN A 181 -0.10 -6.23 -4.51
N ARG A 182 -0.91 -6.66 -5.47
CA ARG A 182 -1.95 -7.66 -5.20
C ARG A 182 -1.37 -9.07 -5.35
N TYR A 183 -1.53 -9.88 -4.31
CA TYR A 183 -1.06 -11.24 -4.30
C TYR A 183 -2.24 -12.20 -4.44
N VAL A 184 -2.04 -13.26 -5.22
CA VAL A 184 -2.99 -14.36 -5.35
C VAL A 184 -2.41 -15.56 -4.62
N HIS A 185 -3.09 -15.99 -3.55
CA HIS A 185 -2.60 -17.09 -2.74
C HIS A 185 -2.91 -18.43 -3.40
N ASN A 186 -1.96 -19.36 -3.30
CA ASN A 186 -2.13 -20.73 -3.76
C ASN A 186 -2.28 -21.63 -2.53
N LEU A 187 -3.43 -21.51 -1.87
CA LEU A 187 -3.66 -22.18 -0.60
C LEU A 187 -3.73 -23.70 -0.74
N LYS A 188 -4.08 -24.22 -1.92
CA LYS A 188 -4.05 -25.67 -2.11
C LYS A 188 -2.64 -26.21 -1.91
N LYS A 189 -1.63 -25.39 -2.21
CA LYS A 189 -0.24 -25.77 -1.96
C LYS A 189 0.18 -25.47 -0.52
N TRP A 190 -0.47 -24.51 0.12
CA TRP A 190 -0.07 -24.06 1.45
C TRP A 190 -0.69 -24.93 2.54
N TYR A 191 -1.99 -25.17 2.48
CA TYR A 191 -2.68 -25.89 3.54
C TYR A 191 -2.04 -27.22 3.90
N PRO A 192 -1.58 -28.05 2.94
CA PRO A 192 -1.05 -29.38 3.31
C PRO A 192 0.32 -29.35 3.97
N GLU A 193 1.02 -28.22 3.96
CA GLU A 193 2.36 -28.19 4.52
C GLU A 193 2.31 -28.35 6.04
N PRO A 194 3.22 -29.11 6.63
CA PRO A 194 3.23 -29.23 8.10
C PRO A 194 3.56 -27.90 8.76
N LEU A 195 3.17 -27.80 10.03
CA LEU A 195 3.32 -26.55 10.76
C LEU A 195 4.77 -26.06 10.73
N SER A 196 5.73 -26.96 10.90
CA SER A 196 7.13 -26.56 10.93
C SER A 196 7.55 -25.92 9.60
N VAL A 197 7.06 -26.45 8.49
CA VAL A 197 7.37 -25.87 7.19
C VAL A 197 6.73 -24.49 7.06
N GLN A 198 5.47 -24.36 7.48
CA GLN A 198 4.79 -23.07 7.36
C GLN A 198 5.47 -22.01 8.19
N GLN A 199 5.93 -22.37 9.40
CA GLN A 199 6.61 -21.41 10.25
C GLN A 199 8.03 -21.12 9.76
N ASP A 200 8.71 -22.13 9.21
CA ASP A 200 9.97 -21.86 8.54
C ASP A 200 9.79 -20.86 7.41
N THR A 201 8.65 -20.93 6.72
CA THR A 201 8.40 -20.04 5.59
C THR A 201 8.23 -18.60 6.06
N VAL A 202 7.53 -18.38 7.16
CA VAL A 202 7.22 -17.02 7.62
C VAL A 202 8.33 -16.48 8.52
N GLY A 203 8.77 -17.28 9.48
CA GLY A 203 9.71 -16.82 10.49
C GLY A 203 9.10 -16.53 11.84
N ARG A 204 7.82 -16.83 12.05
CA ARG A 204 7.16 -16.64 13.32
C ARG A 204 6.22 -17.81 13.57
N THR A 205 5.84 -17.98 14.83
CA THR A 205 4.90 -19.04 15.17
C THR A 205 3.51 -18.67 14.66
N LYS A 206 2.74 -19.71 14.31
CA LYS A 206 1.43 -19.47 13.70
C LYS A 206 0.41 -18.98 14.73
N LYS A 207 0.35 -19.65 15.88
CA LYS A 207 -0.65 -19.30 16.89
C LYS A 207 -0.44 -17.88 17.42
N ASP A 208 0.69 -17.64 18.07
CA ASP A 208 0.92 -16.40 18.80
C ASP A 208 1.72 -15.36 18.03
N SER A 209 2.29 -15.71 16.89
CA SER A 209 3.11 -14.79 16.09
C SER A 209 4.34 -14.34 16.87
N ILE A 210 5.01 -15.30 17.50
CA ILE A 210 6.24 -15.04 18.24
C ILE A 210 7.40 -15.19 17.26
N GLU A 211 8.27 -14.18 17.20
CA GLU A 211 9.38 -14.20 16.26
C GLU A 211 10.29 -15.38 16.57
N ILE A 212 10.50 -16.22 15.56
CA ILE A 212 11.55 -17.24 15.67
C ILE A 212 12.92 -16.56 15.59
N PRO A 213 13.84 -16.83 16.52
CA PRO A 213 15.12 -16.11 16.51
C PRO A 213 15.80 -16.23 15.15
N ARG A 214 16.32 -15.10 14.66
CA ARG A 214 16.94 -15.09 13.33
C ARG A 214 17.99 -16.18 13.18
N ASP A 215 18.63 -16.57 14.29
CA ASP A 215 19.66 -17.61 14.23
C ASP A 215 19.06 -18.95 13.83
N LYS A 216 17.78 -19.17 14.09
CA LYS A 216 17.16 -20.47 13.94
C LYS A 216 16.20 -20.56 12.76
N ARG A 217 15.91 -19.45 12.08
CA ARG A 217 15.04 -19.49 10.92
C ARG A 217 15.86 -19.33 9.65
N PRO A 218 15.37 -19.84 8.51
CA PRO A 218 16.13 -19.72 7.27
C PRO A 218 16.26 -18.27 6.83
N ILE A 219 17.39 -17.96 6.19
CA ILE A 219 17.61 -16.60 5.68
C ILE A 219 16.58 -16.24 4.63
N THR A 220 15.90 -17.23 4.06
CA THR A 220 14.83 -17.02 3.09
C THR A 220 13.45 -16.98 3.72
N SER A 221 13.35 -17.14 5.05
CA SER A 221 12.07 -16.90 5.73
C SER A 221 11.60 -15.51 5.38
N HIS A 222 10.29 -15.28 5.47
CA HIS A 222 9.76 -13.97 5.12
C HIS A 222 10.33 -12.87 6.00
N VAL A 223 10.42 -13.12 7.31
CA VAL A 223 10.92 -12.08 8.21
C VAL A 223 12.39 -11.78 7.92
N SER A 224 13.19 -12.82 7.67
CA SER A 224 14.59 -12.58 7.32
C SER A 224 14.70 -11.78 6.03
N ARG A 225 13.76 -11.98 5.10
CA ARG A 225 13.81 -11.27 3.83
C ARG A 225 13.46 -9.79 4.00
N THR A 226 12.51 -9.48 4.89
CA THR A 226 11.95 -8.14 4.97
C THR A 226 12.41 -7.34 6.18
N ASP A 227 12.91 -7.99 7.24
CA ASP A 227 13.38 -7.28 8.44
C ASP A 227 14.83 -6.87 8.20
N LEU A 228 14.98 -5.75 7.49
CA LEU A 228 16.28 -5.30 7.02
C LEU A 228 16.70 -4.02 7.72
N SER A 229 18.02 -3.83 7.81
CA SER A 229 18.59 -2.56 8.25
C SER A 229 19.70 -2.17 7.29
N GLU A 230 20.08 -0.90 7.36
CA GLU A 230 21.15 -0.36 6.53
C GLU A 230 21.87 0.71 7.33
N ASN A 231 23.18 0.54 7.49
CA ASN A 231 24.00 1.47 8.27
C ASN A 231 23.37 1.74 9.64
N GLY A 232 22.84 0.67 10.25
CA GLY A 232 22.30 0.74 11.59
C GLY A 232 20.88 1.26 11.69
N LYS A 233 20.27 1.66 10.58
CA LYS A 233 18.90 2.14 10.57
C LYS A 233 17.98 1.03 10.05
N ASP A 234 16.93 0.74 10.81
CA ASP A 234 15.92 -0.21 10.34
C ASP A 234 15.17 0.39 9.15
N LEU A 235 15.01 -0.42 8.10
CA LEU A 235 14.27 0.01 6.91
C LEU A 235 12.79 -0.33 7.07
N LYS A 236 12.19 0.22 8.12
CA LYS A 236 10.80 -0.11 8.45
C LYS A 236 9.83 0.65 7.55
N ILE A 237 8.70 0.00 7.26
CA ILE A 237 7.65 0.56 6.44
C ILE A 237 6.33 0.40 7.19
N VAL A 238 5.32 1.15 6.76
CA VAL A 238 4.00 1.12 7.35
C VAL A 238 3.07 0.41 6.37
N ARG A 239 2.63 -0.79 6.75
CA ARG A 239 1.79 -1.62 5.91
C ARG A 239 0.32 -1.45 6.28
N GLN A 240 -0.54 -1.28 5.26
CA GLN A 240 -1.97 -1.28 5.45
C GLN A 240 -2.63 -2.42 4.68
N SER A 241 -1.88 -3.50 4.48
CA SER A 241 -2.35 -4.63 3.69
C SER A 241 -3.61 -5.22 4.29
N LEU A 242 -4.49 -5.74 3.42
CA LEU A 242 -5.71 -6.40 3.84
C LEU A 242 -5.98 -7.64 2.98
N PRO A 243 -6.53 -8.70 3.57
CA PRO A 243 -7.06 -9.80 2.75
C PRO A 243 -8.15 -9.33 1.80
N TYR A 244 -8.33 -10.13 0.74
CA TYR A 244 -9.42 -9.91 -0.22
C TYR A 244 -9.74 -11.25 -0.87
N GLY A 245 -10.92 -11.31 -1.49
CA GLY A 245 -11.20 -12.33 -2.48
C GLY A 245 -12.37 -13.23 -2.10
N GLN A 246 -12.54 -14.28 -2.90
CA GLN A 246 -13.64 -15.22 -2.77
C GLN A 246 -13.17 -16.48 -2.07
N ILE A 247 -14.01 -16.98 -1.16
CA ILE A 247 -13.70 -18.24 -0.50
C ILE A 247 -13.54 -19.36 -1.52
N THR A 248 -14.42 -19.40 -2.52
CA THR A 248 -14.44 -20.46 -3.51
C THR A 248 -13.75 -20.05 -4.82
N GLY A 249 -12.97 -18.98 -4.80
CA GLY A 249 -12.31 -18.49 -6.00
C GLY A 249 -10.98 -17.86 -5.69
N GLU A 250 -10.67 -16.77 -6.40
CA GLU A 250 -9.37 -16.14 -6.29
C GLU A 250 -9.30 -15.28 -5.04
N LYS A 251 -8.30 -15.51 -4.21
CA LYS A 251 -8.12 -14.72 -3.00
C LYS A 251 -6.64 -14.58 -2.71
N GLY A 252 -6.33 -13.63 -1.83
CA GLY A 252 -4.96 -13.40 -1.42
C GLY A 252 -4.81 -12.21 -0.50
N LEU A 253 -3.72 -11.47 -0.67
CA LEU A 253 -3.43 -10.30 0.13
C LEU A 253 -3.25 -9.09 -0.78
N MET A 254 -4.01 -8.03 -0.51
CA MET A 254 -3.79 -6.75 -1.16
C MET A 254 -2.72 -6.02 -0.36
N PHE A 255 -1.48 -6.10 -0.81
CA PHE A 255 -0.39 -5.49 -0.08
C PHE A 255 -0.30 -4.01 -0.42
N ILE A 256 -0.13 -3.18 0.61
CA ILE A 256 0.19 -1.77 0.43
C ILE A 256 1.11 -1.35 1.57
N ALA A 257 2.13 -0.58 1.22
CA ALA A 257 3.09 -0.06 2.19
C ALA A 257 3.26 1.43 1.96
N TYR A 258 3.36 2.17 3.06
CA TYR A 258 3.70 3.58 3.05
C TYR A 258 5.06 3.76 3.73
N ALA A 259 5.88 4.66 3.20
CA ALA A 259 7.24 4.80 3.69
C ALA A 259 7.75 6.23 3.51
N CYS A 260 8.63 6.63 4.43
CA CYS A 260 9.33 7.91 4.30
C CYS A 260 10.25 7.93 3.09
N SER A 261 10.72 6.77 2.64
CA SER A 261 11.63 6.65 1.52
C SER A 261 11.25 5.45 0.67
N LEU A 262 11.12 5.66 -0.64
CA LEU A 262 10.85 4.55 -1.54
C LEU A 262 11.91 3.46 -1.39
N HIS A 263 13.14 3.85 -1.07
CA HIS A 263 14.21 2.88 -0.95
C HIS A 263 13.96 1.87 0.17
N ASN A 264 13.28 2.29 1.25
CA ASN A 264 12.92 1.34 2.29
C ASN A 264 12.06 0.21 1.74
N ILE A 265 11.14 0.52 0.83
CA ILE A 265 10.32 -0.51 0.21
C ILE A 265 11.14 -1.29 -0.82
N GLU A 266 11.85 -0.58 -1.69
CA GLU A 266 12.51 -1.24 -2.82
C GLU A 266 13.58 -2.22 -2.33
N LYS A 267 14.30 -1.88 -1.28
CA LYS A 267 15.31 -2.79 -0.76
C LYS A 267 14.68 -4.11 -0.33
N GLN A 268 13.46 -4.06 0.21
CA GLN A 268 12.78 -5.28 0.64
C GLN A 268 12.31 -6.09 -0.56
N LEU A 269 11.87 -5.40 -1.63
CA LEU A 269 11.54 -6.11 -2.85
C LEU A 269 12.77 -6.78 -3.45
N GLN A 270 13.91 -6.07 -3.43
CA GLN A 270 15.14 -6.66 -3.94
C GLN A 270 15.53 -7.88 -3.13
N SER A 271 15.32 -7.84 -1.82
CA SER A 271 15.64 -8.98 -0.97
C SER A 271 14.70 -10.15 -1.25
N MET A 272 13.39 -9.89 -1.26
CA MET A 272 12.42 -10.96 -1.46
C MET A 272 12.60 -11.64 -2.81
N PHE A 273 12.94 -10.87 -3.84
CA PHE A 273 12.96 -11.36 -5.22
C PHE A 273 14.37 -11.58 -5.74
N GLY A 274 15.31 -11.94 -4.85
CA GLY A 274 16.58 -12.52 -5.23
C GLY A 274 17.65 -11.55 -5.70
N GLN A 275 17.39 -10.26 -5.70
CA GLN A 275 18.32 -9.31 -6.30
C GLN A 275 19.49 -8.92 -5.38
N LEU A 276 19.49 -9.37 -4.13
CA LEU A 276 20.58 -9.08 -3.21
C LEU A 276 21.51 -10.25 -2.98
N ASP A 277 20.99 -11.49 -2.92
CA ASP A 277 21.82 -12.65 -2.68
C ASP A 277 21.46 -13.83 -3.59
N GLY A 278 20.55 -13.66 -4.53
CA GLY A 278 20.20 -14.73 -5.45
C GLY A 278 19.25 -15.76 -4.88
N LYS A 279 18.57 -15.45 -3.79
CA LYS A 279 17.62 -16.36 -3.17
C LYS A 279 16.30 -15.63 -3.00
N HIS A 280 15.20 -16.34 -3.29
CA HIS A 280 13.86 -15.76 -3.23
C HIS A 280 13.21 -16.07 -1.88
N ASP A 281 12.21 -15.26 -1.55
CA ASP A 281 11.44 -15.43 -0.33
C ASP A 281 10.65 -16.74 -0.39
N LEU A 282 10.75 -17.54 0.68
CA LEU A 282 10.06 -18.83 0.71
C LEU A 282 8.56 -18.66 0.56
N LEU A 283 8.02 -17.53 1.00
CA LEU A 283 6.59 -17.29 0.89
C LEU A 283 6.13 -17.33 -0.56
N LEU A 284 7.00 -16.95 -1.48
CA LEU A 284 6.64 -16.86 -2.89
C LEU A 284 6.42 -18.23 -3.54
N LYS A 285 6.66 -19.32 -2.81
CA LYS A 285 6.27 -20.63 -3.31
C LYS A 285 4.76 -20.84 -3.21
N TYR A 286 4.07 -20.00 -2.42
CA TYR A 286 2.65 -20.19 -2.12
C TYR A 286 1.78 -19.00 -2.54
N THR A 287 2.37 -17.94 -3.07
CA THR A 287 1.61 -16.75 -3.42
C THR A 287 2.36 -16.01 -4.53
N THR A 288 1.60 -15.37 -5.41
CA THR A 288 2.14 -14.76 -6.62
C THR A 288 1.68 -13.31 -6.72
N PRO A 289 2.58 -12.36 -6.98
CA PRO A 289 2.15 -10.98 -7.25
C PRO A 289 1.67 -10.82 -8.69
N VAL A 290 0.50 -10.20 -8.85
CA VAL A 290 -0.09 -10.04 -10.18
C VAL A 290 -0.30 -8.58 -10.57
N THR A 291 -0.12 -7.63 -9.64
CA THR A 291 -0.10 -6.20 -9.96
C THR A 291 1.03 -5.55 -9.19
N GLY A 292 1.28 -4.28 -9.49
CA GLY A 292 2.30 -3.54 -8.78
C GLY A 292 2.41 -2.10 -9.24
N SER A 293 2.59 -1.19 -8.28
CA SER A 293 2.71 0.23 -8.61
C SER A 293 3.41 0.99 -7.49
N PHE A 294 4.21 1.98 -7.89
CA PHE A 294 4.77 2.97 -6.98
C PHE A 294 3.99 4.27 -7.13
N TYR A 295 3.69 4.92 -6.01
CA TYR A 295 3.04 6.21 -6.01
C TYR A 295 3.70 7.08 -4.95
N PHE A 296 3.25 8.34 -4.88
CA PHE A 296 3.59 9.24 -3.78
C PHE A 296 2.31 9.94 -3.37
N ALA A 297 1.96 9.82 -2.09
CA ALA A 297 0.80 10.51 -1.54
C ALA A 297 1.27 11.85 -1.00
N PRO A 298 0.91 12.97 -1.62
CA PRO A 298 1.33 14.26 -1.09
C PRO A 298 0.71 14.51 0.28
N SER A 299 1.33 15.42 1.02
CA SER A 299 0.70 15.94 2.21
C SER A 299 -0.66 16.53 1.84
N LYS A 300 -1.47 16.80 2.86
CA LYS A 300 -2.78 17.38 2.60
C LYS A 300 -2.65 18.76 1.96
N LYS A 301 -1.61 19.51 2.32
CA LYS A 301 -1.42 20.84 1.76
C LYS A 301 -0.99 20.77 0.30
N GLU A 302 0.04 19.97 0.01
CA GLU A 302 0.51 19.87 -1.37
C GLU A 302 -0.52 19.20 -2.28
N LEU A 303 -1.35 18.31 -1.73
CA LEU A 303 -2.43 17.72 -2.52
C LEU A 303 -3.34 18.81 -3.08
N LEU A 304 -3.67 19.80 -2.25
CA LEU A 304 -4.58 20.86 -2.68
C LEU A 304 -3.87 21.97 -3.44
N GLU A 305 -2.55 21.99 -3.45
CA GLU A 305 -1.78 23.01 -4.14
C GLU A 305 -1.25 22.55 -5.49
N LEU A 306 -1.53 21.31 -5.90
CA LEU A 306 -1.04 20.81 -7.17
C LEU A 306 -1.36 21.77 -8.31
#